data_3G1X
#
_entry.id   3G1X
#
_cell.length_a   56.419
_cell.length_b   56.419
_cell.length_c   127.508
_cell.angle_alpha   90.00
_cell.angle_beta   90.00
_cell.angle_gamma   90.00
#
_symmetry.space_group_name_H-M   'P 41'
#
loop_
_entity.id
_entity.type
_entity.pdbx_description
1 polymer "Orotidine 5'-phosphate decarboxylase"
2 non-polymer "URIDINE-5'-MONOPHOSPHATE"
3 non-polymer 'CHLORIDE ION'
4 water water
#
_entity_poly.entity_id   1
_entity_poly.type   'polypeptide(L)'
_entity_poly.pdbx_seq_one_letter_code
;MRSRRVDVMDVMNRLILAMDLMNRDDALRVTGEVREYIDTVKIGYPLVLSEGMDIIAEFRKRFGCRIIAGFKVADIPETN
EKICRATFKAGADAIIVHGFPGADSVRACLNVAEEMGREVFLLTEMSHPGAEMFIQGAADEIARMGVDLGVKNYVGPSTR
PERLSRLREIIGQDSFLISPGVGAQGGDPGETLRFADAIIVGRSIYLADNPAAAAAGIIESIKDLLNP
;
_entity_poly.pdbx_strand_id   A,B
#
loop_
_chem_comp.id
_chem_comp.type
_chem_comp.name
_chem_comp.formula
CL non-polymer 'CHLORIDE ION' 'Cl -1'
U5P non-polymer URIDINE-5'-MONOPHOSPHATE 'C9 H13 N2 O9 P'
#
# COMPACT_ATOMS: atom_id res chain seq x y z
N VAL A 11 -19.12 -12.88 -10.12
CA VAL A 11 -18.42 -13.68 -9.09
C VAL A 11 -19.30 -14.82 -8.57
N MET A 12 -18.78 -16.03 -8.62
CA MET A 12 -19.51 -17.21 -8.19
C MET A 12 -19.99 -17.09 -6.74
N ASN A 13 -21.29 -17.31 -6.55
CA ASN A 13 -21.93 -17.24 -5.23
C ASN A 13 -21.76 -15.90 -4.52
N ARG A 14 -21.41 -14.86 -5.28
CA ARG A 14 -21.21 -13.52 -4.74
C ARG A 14 -20.24 -13.55 -3.57
N LEU A 15 -19.34 -14.53 -3.56
CA LEU A 15 -18.39 -14.69 -2.47
C LEU A 15 -16.93 -14.71 -2.93
N ILE A 16 -16.16 -13.74 -2.45
CA ILE A 16 -14.75 -13.62 -2.78
C ILE A 16 -13.94 -13.98 -1.54
N LEU A 17 -13.04 -14.94 -1.68
CA LEU A 17 -12.21 -15.37 -0.56
C LEU A 17 -11.00 -14.47 -0.41
N ALA A 18 -10.80 -13.91 0.78
CA ALA A 18 -9.63 -13.08 1.04
C ALA A 18 -8.60 -14.04 1.65
N MET A 19 -7.67 -14.50 0.82
CA MET A 19 -6.67 -15.45 1.27
C MET A 19 -5.45 -14.76 1.87
N ASP A 20 -5.53 -14.48 3.16
CA ASP A 20 -4.45 -13.81 3.86
C ASP A 20 -3.59 -14.68 4.76
N LEU A 21 -3.63 -15.99 4.54
CA LEU A 21 -2.77 -16.88 5.30
C LEU A 21 -1.38 -16.57 4.75
N MET A 22 -0.33 -16.84 5.53
CA MET A 22 1.01 -16.48 5.10
C MET A 22 2.02 -17.54 4.67
N ASN A 23 1.55 -18.75 4.42
CA ASN A 23 2.46 -19.78 3.93
C ASN A 23 1.70 -20.49 2.82
N ARG A 24 2.42 -20.85 1.76
CA ARG A 24 1.82 -21.47 0.60
C ARG A 24 1.02 -22.74 0.86
N ASP A 25 1.57 -23.66 1.64
CA ASP A 25 0.85 -24.91 1.90
C ASP A 25 -0.54 -24.65 2.49
N ASP A 26 -0.60 -23.85 3.55
CA ASP A 26 -1.87 -23.53 4.19
C ASP A 26 -2.81 -22.76 3.27
N ALA A 27 -2.27 -21.76 2.57
CA ALA A 27 -3.09 -20.95 1.67
C ALA A 27 -3.70 -21.80 0.57
N LEU A 28 -2.89 -22.66 -0.05
CA LEU A 28 -3.38 -23.52 -1.12
C LEU A 28 -4.33 -24.59 -0.59
N ARG A 29 -4.02 -25.15 0.59
CA ARG A 29 -4.86 -26.18 1.18
C ARG A 29 -6.26 -25.65 1.48
N VAL A 30 -6.33 -24.52 2.17
CA VAL A 30 -7.61 -23.91 2.52
C VAL A 30 -8.40 -23.49 1.29
N THR A 31 -7.72 -22.90 0.31
CA THR A 31 -8.41 -22.47 -0.90
C THR A 31 -8.98 -23.71 -1.59
N GLY A 32 -8.22 -24.80 -1.57
CA GLY A 32 -8.69 -26.03 -2.18
C GLY A 32 -9.93 -26.56 -1.47
N GLU A 33 -9.98 -26.41 -0.15
CA GLU A 33 -11.11 -26.88 0.63
C GLU A 33 -12.42 -26.16 0.28
N VAL A 34 -12.31 -24.93 -0.19
CA VAL A 34 -13.51 -24.15 -0.55
C VAL A 34 -13.62 -23.81 -2.04
N ARG A 35 -12.81 -24.45 -2.87
CA ARG A 35 -12.85 -24.17 -4.30
C ARG A 35 -14.20 -24.41 -4.98
N GLU A 36 -14.99 -25.33 -4.44
CA GLU A 36 -16.28 -25.61 -5.04
C GLU A 36 -17.29 -24.48 -4.85
N TYR A 37 -17.01 -23.59 -3.91
CA TYR A 37 -17.92 -22.48 -3.61
C TYR A 37 -17.53 -21.13 -4.19
N ILE A 38 -16.30 -21.02 -4.69
CA ILE A 38 -15.82 -19.75 -5.23
C ILE A 38 -15.06 -19.87 -6.55
N ASP A 39 -14.89 -18.75 -7.23
CA ASP A 39 -14.15 -18.72 -8.48
C ASP A 39 -13.33 -17.45 -8.52
N THR A 40 -13.31 -16.74 -7.38
CA THR A 40 -12.59 -15.48 -7.26
C THR A 40 -11.90 -15.38 -5.91
N VAL A 41 -10.60 -15.13 -5.95
CA VAL A 41 -9.80 -15.03 -4.73
C VAL A 41 -9.04 -13.71 -4.69
N LYS A 42 -9.07 -13.06 -3.53
CA LYS A 42 -8.32 -11.81 -3.35
C LYS A 42 -7.03 -12.17 -2.62
N ILE A 43 -5.90 -11.90 -3.26
CA ILE A 43 -4.59 -12.18 -2.67
C ILE A 43 -3.95 -10.84 -2.32
N GLY A 44 -3.47 -10.72 -1.09
CA GLY A 44 -2.84 -9.48 -0.67
C GLY A 44 -1.38 -9.62 -0.29
N TYR A 45 -0.86 -8.58 0.36
CA TYR A 45 0.53 -8.59 0.75
C TYR A 45 0.94 -9.63 1.79
N PRO A 46 0.04 -9.99 2.72
CA PRO A 46 0.47 -11.01 3.69
C PRO A 46 0.99 -12.28 3.00
N LEU A 47 0.28 -12.73 1.97
CA LEU A 47 0.69 -13.93 1.25
C LEU A 47 1.79 -13.65 0.23
N VAL A 48 1.65 -12.58 -0.54
CA VAL A 48 2.63 -12.24 -1.56
C VAL A 48 4.01 -11.90 -1.01
N LEU A 49 4.06 -11.16 0.09
CA LEU A 49 5.36 -10.80 0.66
C LEU A 49 6.02 -12.00 1.32
N SER A 50 5.21 -12.96 1.77
CA SER A 50 5.74 -14.15 2.43
C SER A 50 6.18 -15.23 1.44
N GLU A 51 5.45 -15.37 0.34
CA GLU A 51 5.75 -16.42 -0.64
C GLU A 51 6.19 -15.98 -2.03
N GLY A 52 6.10 -14.70 -2.33
CA GLY A 52 6.50 -14.22 -3.64
C GLY A 52 5.32 -14.04 -4.57
N MET A 53 5.47 -13.14 -5.53
CA MET A 53 4.42 -12.85 -6.49
C MET A 53 4.06 -14.05 -7.37
N ASP A 54 4.95 -15.03 -7.43
CA ASP A 54 4.68 -16.23 -8.23
C ASP A 54 3.47 -17.00 -7.68
N ILE A 55 3.08 -16.71 -6.44
CA ILE A 55 1.95 -17.38 -5.82
C ILE A 55 0.66 -17.09 -6.60
N ILE A 56 0.60 -15.92 -7.23
CA ILE A 56 -0.58 -15.57 -8.01
C ILE A 56 -0.77 -16.56 -9.16
N ALA A 57 0.30 -16.81 -9.90
CA ALA A 57 0.24 -17.74 -11.02
C ALA A 57 -0.11 -19.14 -10.54
N GLU A 58 0.38 -19.49 -9.35
CA GLU A 58 0.10 -20.80 -8.77
C GLU A 58 -1.40 -20.96 -8.54
N PHE A 59 -2.03 -19.94 -7.98
CA PHE A 59 -3.47 -20.00 -7.74
C PHE A 59 -4.25 -20.13 -9.04
N ARG A 60 -3.89 -19.32 -10.03
CA ARG A 60 -4.59 -19.37 -11.30
C ARG A 60 -4.52 -20.73 -11.98
N LYS A 61 -3.34 -21.35 -11.95
CA LYS A 61 -3.15 -22.65 -12.56
C LYS A 61 -3.80 -23.79 -11.79
N ARG A 62 -3.75 -23.72 -10.47
CA ARG A 62 -4.32 -24.76 -9.63
C ARG A 62 -5.83 -24.71 -9.48
N PHE A 63 -6.41 -23.51 -9.49
CA PHE A 63 -7.84 -23.36 -9.32
C PHE A 63 -8.61 -22.76 -10.50
N GLY A 64 -7.87 -22.22 -11.48
CA GLY A 64 -8.52 -21.60 -12.63
C GLY A 64 -9.43 -20.48 -12.18
N CYS A 65 -9.04 -19.81 -11.10
CA CYS A 65 -9.83 -18.74 -10.53
C CYS A 65 -9.41 -17.34 -10.95
N ARG A 66 -10.30 -16.39 -10.72
CA ARG A 66 -10.03 -14.99 -11.02
C ARG A 66 -9.21 -14.53 -9.82
N ILE A 67 -8.21 -13.69 -10.04
CA ILE A 67 -7.39 -13.20 -8.94
C ILE A 67 -7.44 -11.68 -8.85
N ILE A 68 -7.82 -11.18 -7.69
CA ILE A 68 -7.86 -9.74 -7.45
C ILE A 68 -6.69 -9.47 -6.50
N ALA A 69 -5.77 -8.61 -6.90
CA ALA A 69 -4.64 -8.28 -6.04
C ALA A 69 -5.10 -7.17 -5.11
N GLY A 70 -5.29 -7.50 -3.83
CA GLY A 70 -5.74 -6.52 -2.85
C GLY A 70 -4.57 -5.72 -2.32
N PHE A 71 -3.89 -5.05 -3.22
CA PHE A 71 -2.71 -4.27 -2.86
C PHE A 71 -3.00 -2.84 -2.40
N LYS A 72 -4.20 -2.34 -2.69
CA LYS A 72 -4.60 -0.99 -2.30
C LYS A 72 -3.49 0.01 -2.59
N VAL A 73 -3.07 0.04 -3.85
CA VAL A 73 -2.00 0.92 -4.32
C VAL A 73 -2.26 2.34 -3.85
N ALA A 74 -1.25 2.94 -3.24
CA ALA A 74 -1.38 4.29 -2.70
C ALA A 74 -0.08 5.09 -2.78
N ASP A 75 0.52 5.10 -3.96
CA ASP A 75 1.78 5.80 -4.17
C ASP A 75 1.58 6.94 -5.17
N ILE A 76 2.68 7.56 -5.58
CA ILE A 76 2.60 8.62 -6.58
C ILE A 76 2.32 7.94 -7.92
N PRO A 77 1.84 8.70 -8.92
CA PRO A 77 1.54 8.12 -10.23
C PRO A 77 2.61 7.21 -10.85
N GLU A 78 3.84 7.70 -10.92
CA GLU A 78 4.94 6.94 -11.51
C GLU A 78 5.14 5.57 -10.85
N THR A 79 5.11 5.54 -9.53
CA THR A 79 5.30 4.27 -8.82
C THR A 79 4.07 3.39 -8.94
N ASN A 80 2.89 4.00 -8.94
CA ASN A 80 1.65 3.24 -9.07
C ASN A 80 1.68 2.47 -10.40
N GLU A 81 2.17 3.10 -11.44
CA GLU A 81 2.25 2.45 -12.75
C GLU A 81 3.13 1.21 -12.68
N LYS A 82 4.26 1.33 -12.00
CA LYS A 82 5.20 0.21 -11.85
C LYS A 82 4.59 -0.92 -11.06
N ILE A 83 3.91 -0.60 -9.97
CA ILE A 83 3.29 -1.61 -9.14
C ILE A 83 2.21 -2.35 -9.93
N CYS A 84 1.39 -1.61 -10.66
CA CYS A 84 0.34 -2.25 -11.46
C CYS A 84 0.95 -3.12 -12.55
N ARG A 85 1.99 -2.62 -13.21
CA ARG A 85 2.66 -3.38 -14.27
C ARG A 85 3.19 -4.70 -13.71
N ALA A 86 3.92 -4.64 -12.61
CA ALA A 86 4.48 -5.86 -12.01
C ALA A 86 3.37 -6.84 -11.60
N THR A 87 2.29 -6.29 -11.05
CA THR A 87 1.16 -7.09 -10.60
C THR A 87 0.41 -7.78 -11.73
N PHE A 88 0.15 -7.06 -12.81
CA PHE A 88 -0.56 -7.66 -13.93
C PHE A 88 0.34 -8.66 -14.67
N LYS A 89 1.65 -8.38 -14.70
CA LYS A 89 2.57 -9.30 -15.36
C LYS A 89 2.58 -10.62 -14.59
N ALA A 90 2.33 -10.54 -13.29
CA ALA A 90 2.28 -11.72 -12.42
C ALA A 90 1.00 -12.53 -12.61
N GLY A 91 0.06 -11.99 -13.39
CA GLY A 91 -1.18 -12.70 -13.65
C GLY A 91 -2.46 -12.19 -13.02
N ALA A 92 -2.37 -11.16 -12.18
CA ALA A 92 -3.57 -10.64 -11.54
C ALA A 92 -4.58 -10.14 -12.57
N ASP A 93 -5.84 -10.48 -12.38
CA ASP A 93 -6.91 -10.05 -13.29
C ASP A 93 -7.35 -8.63 -12.96
N ALA A 94 -7.18 -8.25 -11.70
CA ALA A 94 -7.56 -6.92 -11.24
C ALA A 94 -6.71 -6.50 -10.06
N ILE A 95 -6.71 -5.20 -9.78
CA ILE A 95 -5.95 -4.68 -8.66
C ILE A 95 -6.80 -3.64 -7.93
N ILE A 96 -6.70 -3.64 -6.61
CA ILE A 96 -7.43 -2.68 -5.79
C ILE A 96 -6.51 -1.48 -5.55
N VAL A 97 -7.07 -0.30 -5.77
CA VAL A 97 -6.32 0.95 -5.64
C VAL A 97 -6.98 1.89 -4.64
N HIS A 98 -6.18 2.51 -3.78
CA HIS A 98 -6.70 3.48 -2.83
C HIS A 98 -7.08 4.74 -3.59
N GLY A 99 -8.20 5.35 -3.24
CA GLY A 99 -8.61 6.57 -3.91
C GLY A 99 -8.15 7.83 -3.19
N PHE A 100 -7.83 7.71 -1.90
CA PHE A 100 -7.39 8.86 -1.09
C PHE A 100 -6.21 9.66 -1.68
N PRO A 101 -5.25 8.98 -2.34
CA PRO A 101 -4.12 9.73 -2.90
C PRO A 101 -4.45 10.66 -4.06
N GLY A 102 -5.67 10.59 -4.59
CA GLY A 102 -6.02 11.50 -5.67
C GLY A 102 -6.21 10.91 -7.06
N ALA A 103 -6.71 11.76 -7.95
CA ALA A 103 -7.02 11.37 -9.32
C ALA A 103 -5.83 10.97 -10.20
N ASP A 104 -4.71 11.67 -10.09
CA ASP A 104 -3.56 11.30 -10.91
C ASP A 104 -3.05 9.91 -10.55
N SER A 105 -3.03 9.59 -9.27
CA SER A 105 -2.58 8.27 -8.84
C SER A 105 -3.53 7.18 -9.32
N VAL A 106 -4.82 7.49 -9.39
CA VAL A 106 -5.81 6.51 -9.86
C VAL A 106 -5.66 6.35 -11.37
N ARG A 107 -5.54 7.45 -12.09
CA ARG A 107 -5.41 7.40 -13.54
C ARG A 107 -4.19 6.58 -13.97
N ALA A 108 -3.10 6.68 -13.21
CA ALA A 108 -1.90 5.93 -13.55
C ALA A 108 -2.22 4.43 -13.58
N CYS A 109 -3.05 4.00 -12.62
CA CYS A 109 -3.43 2.60 -12.55
C CYS A 109 -4.36 2.26 -13.70
N LEU A 110 -5.28 3.16 -14.01
CA LEU A 110 -6.21 2.94 -15.11
C LEU A 110 -5.46 2.80 -16.42
N ASN A 111 -4.42 3.60 -16.61
CA ASN A 111 -3.62 3.54 -17.83
C ASN A 111 -3.02 2.16 -18.04
N VAL A 112 -2.41 1.62 -17.00
CA VAL A 112 -1.78 0.31 -17.10
C VAL A 112 -2.84 -0.78 -17.30
N ALA A 113 -3.97 -0.66 -16.60
CA ALA A 113 -5.03 -1.64 -16.72
C ALA A 113 -5.58 -1.68 -18.14
N GLU A 114 -5.72 -0.51 -18.77
CA GLU A 114 -6.23 -0.45 -20.13
C GLU A 114 -5.24 -1.09 -21.09
N GLU A 115 -3.96 -0.75 -20.92
CA GLU A 115 -2.91 -1.29 -21.77
C GLU A 115 -2.82 -2.80 -21.71
N MET A 116 -2.96 -3.36 -20.51
CA MET A 116 -2.84 -4.80 -20.33
C MET A 116 -4.16 -5.57 -20.30
N GLY A 117 -5.26 -4.86 -20.50
CA GLY A 117 -6.57 -5.50 -20.51
C GLY A 117 -7.01 -6.06 -19.17
N ARG A 118 -6.68 -5.35 -18.09
CA ARG A 118 -7.05 -5.79 -16.75
C ARG A 118 -8.01 -4.80 -16.09
N GLU A 119 -8.40 -5.07 -14.85
CA GLU A 119 -9.36 -4.23 -14.15
C GLU A 119 -8.83 -3.52 -12.90
N VAL A 120 -9.42 -2.37 -12.61
CA VAL A 120 -9.07 -1.60 -11.43
C VAL A 120 -10.31 -1.47 -10.54
N PHE A 121 -10.12 -1.70 -9.24
CA PHE A 121 -11.18 -1.56 -8.26
C PHE A 121 -10.77 -0.38 -7.40
N LEU A 122 -11.66 0.60 -7.26
CA LEU A 122 -11.35 1.77 -6.46
C LEU A 122 -11.86 1.61 -5.03
N LEU A 123 -10.95 1.65 -4.07
CA LEU A 123 -11.31 1.54 -2.66
C LEU A 123 -11.70 2.94 -2.18
N THR A 124 -12.94 3.08 -1.75
CA THR A 124 -13.45 4.35 -1.28
C THR A 124 -13.27 4.41 0.24
N GLU A 125 -14.27 3.97 0.99
CA GLU A 125 -14.17 3.98 2.44
C GLU A 125 -13.73 2.61 2.96
N MET A 126 -12.88 2.61 3.98
CA MET A 126 -12.40 1.37 4.55
C MET A 126 -13.33 0.89 5.68
N SER A 127 -13.23 -0.39 5.99
CA SER A 127 -14.09 -1.02 6.99
C SER A 127 -13.72 -0.94 8.47
N HIS A 128 -12.46 -0.66 8.78
CA HIS A 128 -12.03 -0.61 10.18
C HIS A 128 -12.39 0.70 10.88
N PRO A 129 -12.39 0.69 12.23
CA PRO A 129 -12.72 1.89 13.01
C PRO A 129 -11.96 3.16 12.62
N GLY A 130 -10.66 3.02 12.45
CA GLY A 130 -9.83 4.16 12.11
C GLY A 130 -10.22 4.89 10.84
N ALA A 131 -10.98 4.20 9.98
CA ALA A 131 -11.41 4.81 8.72
C ALA A 131 -12.26 6.04 8.96
N GLU A 132 -12.84 6.16 10.16
CA GLU A 132 -13.68 7.30 10.49
C GLU A 132 -12.90 8.60 10.66
N MET A 133 -11.62 8.47 10.99
CA MET A 133 -10.79 9.66 11.22
C MET A 133 -10.58 10.56 10.02
N PHE A 134 -10.17 10.00 8.89
CA PHE A 134 -9.92 10.82 7.70
C PHE A 134 -10.58 10.32 6.42
N ILE A 135 -10.60 9.01 6.25
CA ILE A 135 -11.17 8.43 5.04
C ILE A 135 -12.66 8.65 4.86
N GLN A 136 -13.44 8.42 5.91
CA GLN A 136 -14.89 8.56 5.81
C GLN A 136 -15.34 9.92 5.28
N GLY A 137 -14.73 10.99 5.78
CA GLY A 137 -15.11 12.32 5.33
C GLY A 137 -14.79 12.61 3.88
N ALA A 138 -13.90 11.82 3.29
CA ALA A 138 -13.53 12.03 1.89
C ALA A 138 -14.12 10.97 0.97
N ALA A 139 -14.66 9.90 1.54
CA ALA A 139 -15.19 8.77 0.79
C ALA A 139 -16.21 9.08 -0.31
N ASP A 140 -17.19 9.93 -0.03
CA ASP A 140 -18.19 10.25 -1.05
C ASP A 140 -17.52 10.94 -2.24
N GLU A 141 -16.61 11.86 -1.97
CA GLU A 141 -15.92 12.57 -3.04
C GLU A 141 -14.98 11.64 -3.80
N ILE A 142 -14.38 10.68 -3.09
CA ILE A 142 -13.50 9.71 -3.74
C ILE A 142 -14.33 8.85 -4.70
N ALA A 143 -15.54 8.51 -4.27
CA ALA A 143 -16.43 7.71 -5.11
C ALA A 143 -16.83 8.50 -6.36
N ARG A 144 -17.15 9.77 -6.18
CA ARG A 144 -17.53 10.63 -7.30
C ARG A 144 -16.36 10.76 -8.26
N MET A 145 -15.15 10.87 -7.72
CA MET A 145 -13.94 10.97 -8.53
C MET A 145 -13.85 9.73 -9.42
N GLY A 146 -14.11 8.56 -8.85
CA GLY A 146 -14.07 7.34 -9.61
C GLY A 146 -15.08 7.34 -10.73
N VAL A 147 -16.30 7.77 -10.41
CA VAL A 147 -17.36 7.83 -11.41
C VAL A 147 -16.97 8.78 -12.55
N ASP A 148 -16.39 9.93 -12.20
CA ASP A 148 -15.99 10.89 -13.22
C ASP A 148 -14.90 10.37 -14.14
N LEU A 149 -14.09 9.43 -13.65
CA LEU A 149 -13.02 8.86 -14.46
C LEU A 149 -13.43 7.57 -15.16
N GLY A 150 -14.70 7.20 -15.02
CA GLY A 150 -15.19 6.00 -15.67
C GLY A 150 -14.89 4.69 -14.94
N VAL A 151 -14.51 4.78 -13.67
CA VAL A 151 -14.23 3.56 -12.91
C VAL A 151 -15.55 2.80 -12.76
N LYS A 152 -15.50 1.50 -12.95
CA LYS A 152 -16.72 0.70 -12.84
C LYS A 152 -16.70 -0.29 -11.70
N ASN A 153 -15.55 -0.48 -11.06
CA ASN A 153 -15.42 -1.42 -9.95
C ASN A 153 -15.01 -0.68 -8.68
N TYR A 154 -15.74 -0.95 -7.59
CA TYR A 154 -15.49 -0.28 -6.31
C TYR A 154 -15.47 -1.21 -5.11
N VAL A 155 -14.88 -0.71 -4.01
CA VAL A 155 -14.81 -1.45 -2.75
C VAL A 155 -15.35 -0.52 -1.66
N GLY A 156 -16.32 -1.02 -0.89
CA GLY A 156 -16.94 -0.26 0.18
C GLY A 156 -17.04 -1.10 1.43
N PRO A 157 -17.24 -0.49 2.63
CA PRO A 157 -17.33 -1.19 3.90
C PRO A 157 -18.61 -1.91 4.33
N SER A 158 -18.47 -3.20 4.63
CA SER A 158 -19.60 -4.01 5.08
C SER A 158 -20.01 -3.58 6.48
N THR A 159 -19.05 -3.07 7.23
CA THR A 159 -19.26 -2.63 8.61
C THR A 159 -20.13 -1.39 8.79
N ARG A 160 -20.40 -0.68 7.71
CA ARG A 160 -21.23 0.53 7.77
C ARG A 160 -22.23 0.48 6.63
N PRO A 161 -23.31 -0.29 6.81
CA PRO A 161 -24.35 -0.43 5.78
C PRO A 161 -24.89 0.87 5.19
N GLU A 162 -25.11 1.89 6.01
CA GLU A 162 -25.62 3.15 5.49
C GLU A 162 -24.59 3.86 4.62
N ARG A 163 -23.31 3.68 4.94
CA ARG A 163 -22.25 4.29 4.14
C ARG A 163 -22.15 3.51 2.83
N LEU A 164 -22.26 2.18 2.92
CA LEU A 164 -22.19 1.34 1.74
C LEU A 164 -23.36 1.69 0.82
N SER A 165 -24.51 1.96 1.43
CA SER A 165 -25.71 2.31 0.67
C SER A 165 -25.52 3.63 -0.07
N ARG A 166 -24.90 4.60 0.59
CA ARG A 166 -24.64 5.90 0.00
C ARG A 166 -23.66 5.74 -1.15
N LEU A 167 -22.65 4.89 -0.95
CA LEU A 167 -21.66 4.65 -1.98
C LEU A 167 -22.35 4.07 -3.21
N ARG A 168 -23.27 3.14 -2.99
CA ARG A 168 -24.01 2.53 -4.09
C ARG A 168 -24.80 3.61 -4.84
N GLU A 169 -25.40 4.53 -4.11
CA GLU A 169 -26.17 5.60 -4.75
C GLU A 169 -25.29 6.43 -5.68
N ILE A 170 -24.08 6.73 -5.21
CA ILE A 170 -23.15 7.53 -5.99
C ILE A 170 -22.63 6.84 -7.24
N ILE A 171 -22.24 5.57 -7.13
CA ILE A 171 -21.71 4.85 -8.28
C ILE A 171 -22.75 4.30 -9.24
N GLY A 172 -24.00 4.22 -8.78
CA GLY A 172 -25.06 3.73 -9.63
C GLY A 172 -25.21 2.22 -9.61
N GLN A 173 -26.32 1.73 -10.16
CA GLN A 173 -26.61 0.30 -10.19
C GLN A 173 -25.71 -0.49 -11.14
N ASP A 174 -25.26 0.16 -12.21
CA ASP A 174 -24.41 -0.50 -13.19
C ASP A 174 -23.01 -0.86 -12.69
N SER A 175 -22.50 -0.08 -11.75
CA SER A 175 -21.16 -0.33 -11.21
C SER A 175 -21.10 -1.60 -10.37
N PHE A 176 -19.91 -2.19 -10.32
CA PHE A 176 -19.67 -3.41 -9.56
C PHE A 176 -19.08 -3.00 -8.21
N LEU A 177 -19.68 -3.47 -7.13
CA LEU A 177 -19.23 -3.12 -5.79
C LEU A 177 -18.98 -4.35 -4.94
N ILE A 178 -17.77 -4.47 -4.39
CA ILE A 178 -17.45 -5.59 -3.51
C ILE A 178 -17.21 -5.02 -2.13
N SER A 179 -17.41 -5.83 -1.10
CA SER A 179 -17.31 -5.30 0.25
C SER A 179 -16.69 -6.22 1.29
N PRO A 180 -15.62 -5.75 1.95
CA PRO A 180 -14.94 -6.54 2.98
C PRO A 180 -15.47 -6.14 4.36
N GLY A 181 -15.13 -6.92 5.37
CA GLY A 181 -15.60 -6.62 6.71
C GLY A 181 -16.73 -7.54 7.15
N VAL A 182 -17.02 -8.54 6.32
CA VAL A 182 -18.07 -9.50 6.62
C VAL A 182 -17.50 -10.60 7.51
N GLY A 183 -18.17 -10.89 8.62
CA GLY A 183 -17.70 -11.94 9.51
C GLY A 183 -16.86 -11.45 10.67
N ALA A 184 -15.54 -11.63 10.58
CA ALA A 184 -14.63 -11.22 11.63
C ALA A 184 -14.80 -9.78 12.09
N GLN A 185 -14.99 -8.86 11.13
CA GLN A 185 -15.14 -7.46 11.47
C GLN A 185 -16.56 -7.07 11.88
N GLY A 186 -17.49 -8.03 11.81
CA GLY A 186 -18.86 -7.75 12.23
C GLY A 186 -19.93 -7.57 11.17
N GLY A 187 -19.54 -7.45 9.91
CA GLY A 187 -20.50 -7.27 8.84
C GLY A 187 -21.36 -8.49 8.59
N ASP A 188 -22.60 -8.28 8.18
CA ASP A 188 -23.54 -9.36 7.89
C ASP A 188 -23.59 -9.62 6.39
N PRO A 189 -23.48 -10.88 5.97
CA PRO A 189 -23.52 -11.26 4.55
C PRO A 189 -24.74 -10.71 3.81
N GLY A 190 -25.93 -11.07 4.29
CA GLY A 190 -27.16 -10.64 3.65
C GLY A 190 -27.37 -9.13 3.60
N GLU A 191 -27.13 -8.45 4.71
CA GLU A 191 -27.30 -7.00 4.76
C GLU A 191 -26.37 -6.31 3.77
N THR A 192 -25.13 -6.78 3.72
CA THR A 192 -24.13 -6.22 2.83
C THR A 192 -24.52 -6.40 1.37
N LEU A 193 -25.09 -7.55 1.04
CA LEU A 193 -25.48 -7.83 -0.33
C LEU A 193 -26.72 -7.07 -0.79
N ARG A 194 -27.28 -6.24 0.09
CA ARG A 194 -28.42 -5.42 -0.29
C ARG A 194 -27.86 -4.33 -1.19
N PHE A 195 -26.58 -4.01 -1.00
CA PHE A 195 -25.95 -2.96 -1.77
C PHE A 195 -24.75 -3.42 -2.61
N ALA A 196 -23.97 -4.35 -2.07
CA ALA A 196 -22.81 -4.86 -2.79
C ALA A 196 -23.17 -6.03 -3.68
N ASP A 197 -22.43 -6.19 -4.77
CA ASP A 197 -22.66 -7.30 -5.70
C ASP A 197 -22.00 -8.57 -5.17
N ALA A 198 -20.96 -8.39 -4.37
CA ALA A 198 -20.25 -9.53 -3.80
C ALA A 198 -19.58 -9.13 -2.50
N ILE A 199 -19.43 -10.11 -1.61
CA ILE A 199 -18.78 -9.88 -0.34
C ILE A 199 -17.42 -10.54 -0.31
N ILE A 200 -16.50 -9.91 0.42
CA ILE A 200 -15.15 -10.43 0.59
C ILE A 200 -15.13 -11.02 2.00
N VAL A 201 -14.70 -12.27 2.11
CA VAL A 201 -14.64 -12.94 3.41
C VAL A 201 -13.28 -13.61 3.57
N GLY A 202 -12.61 -13.28 4.66
CA GLY A 202 -11.31 -13.86 4.93
C GLY A 202 -11.30 -14.82 6.11
N ARG A 203 -10.97 -14.29 7.28
CA ARG A 203 -10.88 -15.09 8.50
C ARG A 203 -12.05 -16.01 8.84
N SER A 204 -13.28 -15.53 8.65
CA SER A 204 -14.45 -16.34 8.95
C SER A 204 -14.38 -17.68 8.21
N ILE A 205 -13.60 -17.70 7.13
CA ILE A 205 -13.44 -18.92 6.36
C ILE A 205 -12.09 -19.58 6.58
N TYR A 206 -11.00 -18.86 6.32
CA TYR A 206 -9.68 -19.48 6.44
C TYR A 206 -9.18 -19.82 7.84
N LEU A 207 -9.84 -19.31 8.88
CA LEU A 207 -9.44 -19.63 10.25
C LEU A 207 -10.46 -20.59 10.87
N ALA A 208 -11.55 -20.84 10.14
CA ALA A 208 -12.60 -21.73 10.62
C ALA A 208 -12.08 -23.16 10.80
N ASP A 209 -12.67 -23.88 11.74
CA ASP A 209 -12.28 -25.26 12.01
C ASP A 209 -12.43 -26.04 10.71
N ASN A 210 -13.52 -25.76 10.00
CA ASN A 210 -13.80 -26.40 8.72
C ASN A 210 -14.19 -25.33 7.71
N PRO A 211 -13.22 -24.80 6.96
CA PRO A 211 -13.45 -23.77 5.95
C PRO A 211 -14.63 -24.04 5.02
N ALA A 212 -14.76 -25.27 4.55
CA ALA A 212 -15.85 -25.64 3.65
C ALA A 212 -17.23 -25.40 4.29
N ALA A 213 -17.38 -25.84 5.53
CA ALA A 213 -18.65 -25.67 6.24
C ALA A 213 -18.92 -24.19 6.45
N ALA A 214 -17.85 -23.43 6.70
CA ALA A 214 -17.97 -22.00 6.92
C ALA A 214 -18.46 -21.31 5.65
N ALA A 215 -17.86 -21.66 4.52
CA ALA A 215 -18.25 -21.07 3.24
C ALA A 215 -19.68 -21.48 2.89
N ALA A 216 -19.99 -22.75 3.12
CA ALA A 216 -21.33 -23.26 2.84
C ALA A 216 -22.37 -22.55 3.70
N GLY A 217 -22.01 -22.32 4.96
CA GLY A 217 -22.93 -21.64 5.87
C GLY A 217 -23.23 -20.23 5.41
N ILE A 218 -22.22 -19.53 4.94
CA ILE A 218 -22.40 -18.16 4.46
C ILE A 218 -23.32 -18.18 3.24
N ILE A 219 -23.04 -19.07 2.30
CA ILE A 219 -23.83 -19.18 1.09
C ILE A 219 -25.28 -19.56 1.42
N GLU A 220 -25.43 -20.42 2.43
CA GLU A 220 -26.75 -20.87 2.86
C GLU A 220 -27.59 -19.68 3.36
N SER A 221 -26.96 -18.78 4.10
CA SER A 221 -27.65 -17.63 4.64
C SER A 221 -28.00 -16.58 3.59
N ILE A 222 -27.48 -16.75 2.38
CA ILE A 222 -27.74 -15.80 1.30
C ILE A 222 -28.24 -16.47 0.02
N LYS A 223 -28.68 -17.72 0.14
CA LYS A 223 -29.18 -18.46 -1.01
C LYS A 223 -30.23 -17.68 -1.80
N VAL B 11 21.56 9.42 9.06
CA VAL B 11 21.71 8.97 7.64
C VAL B 11 22.91 9.65 6.97
N MET B 12 23.80 8.85 6.41
CA MET B 12 25.00 9.38 5.74
C MET B 12 24.66 10.41 4.68
N ASN B 13 25.31 11.56 4.75
CA ASN B 13 25.12 12.65 3.80
C ASN B 13 23.68 13.13 3.66
N ARG B 14 22.84 12.79 4.64
CA ARG B 14 21.43 13.18 4.64
C ARG B 14 20.77 12.78 3.32
N LEU B 15 21.30 11.73 2.70
CA LEU B 15 20.79 11.28 1.41
C LEU B 15 20.35 9.80 1.42
N ILE B 16 19.06 9.58 1.17
CA ILE B 16 18.51 8.23 1.12
C ILE B 16 18.17 7.91 -0.32
N LEU B 17 18.69 6.80 -0.81
CA LEU B 17 18.44 6.38 -2.18
C LEU B 17 17.12 5.61 -2.30
N ALA B 18 16.23 6.06 -3.18
CA ALA B 18 14.97 5.36 -3.40
C ALA B 18 15.26 4.43 -4.59
N MET B 19 15.50 3.16 -4.29
CA MET B 19 15.83 2.20 -5.34
C MET B 19 14.60 1.55 -5.93
N ASP B 20 14.04 2.20 -6.94
CA ASP B 20 12.83 1.71 -7.58
C ASP B 20 13.02 1.05 -8.94
N LEU B 21 14.26 0.66 -9.26
CA LEU B 21 14.51 -0.06 -10.50
C LEU B 21 13.84 -1.41 -10.28
N MET B 22 13.47 -2.10 -11.34
CA MET B 22 12.75 -3.34 -11.18
C MET B 22 13.41 -4.68 -11.51
N ASN B 23 14.73 -4.69 -11.59
CA ASN B 23 15.41 -5.95 -11.82
C ASN B 23 16.63 -5.95 -10.93
N ARG B 24 16.93 -7.12 -10.37
CA ARG B 24 18.04 -7.30 -9.45
C ARG B 24 19.39 -6.76 -9.91
N ASP B 25 19.81 -7.15 -11.12
CA ASP B 25 21.10 -6.71 -11.62
C ASP B 25 21.25 -5.19 -11.66
N ASP B 26 20.28 -4.50 -12.26
CA ASP B 26 20.34 -3.04 -12.35
C ASP B 26 20.28 -2.38 -10.98
N ALA B 27 19.36 -2.84 -10.13
CA ALA B 27 19.21 -2.27 -8.80
C ALA B 27 20.51 -2.39 -8.00
N LEU B 28 21.09 -3.59 -8.02
CA LEU B 28 22.33 -3.81 -7.28
C LEU B 28 23.49 -3.05 -7.91
N ARG B 29 23.56 -3.01 -9.23
CA ARG B 29 24.66 -2.31 -9.90
C ARG B 29 24.63 -0.81 -9.61
N VAL B 30 23.46 -0.19 -9.74
CA VAL B 30 23.34 1.24 -9.49
C VAL B 30 23.61 1.57 -8.02
N THR B 31 23.08 0.76 -7.11
CA THR B 31 23.30 1.01 -5.69
C THR B 31 24.79 0.90 -5.41
N GLY B 32 25.44 -0.07 -6.05
CA GLY B 32 26.88 -0.22 -5.85
C GLY B 32 27.64 0.99 -6.35
N GLU B 33 27.15 1.60 -7.43
CA GLU B 33 27.80 2.78 -8.00
C GLU B 33 27.78 3.98 -7.07
N VAL B 34 26.77 4.04 -6.20
CA VAL B 34 26.66 5.17 -5.27
C VAL B 34 26.80 4.79 -3.80
N ARG B 35 27.26 3.57 -3.52
CA ARG B 35 27.41 3.12 -2.14
C ARG B 35 28.34 3.98 -1.29
N GLU B 36 29.32 4.62 -1.91
CA GLU B 36 30.25 5.44 -1.15
C GLU B 36 29.60 6.73 -0.62
N TYR B 37 28.46 7.09 -1.16
CA TYR B 37 27.77 8.32 -0.74
C TYR B 37 26.59 8.10 0.19
N ILE B 38 26.14 6.85 0.34
CA ILE B 38 24.98 6.57 1.18
C ILE B 38 25.14 5.35 2.08
N ASP B 39 24.28 5.25 3.09
CA ASP B 39 24.30 4.11 3.99
C ASP B 39 22.86 3.72 4.29
N THR B 40 21.93 4.35 3.58
CA THR B 40 20.50 4.09 3.78
C THR B 40 19.78 4.04 2.43
N VAL B 41 19.08 2.93 2.21
CA VAL B 41 18.34 2.73 0.97
C VAL B 41 16.88 2.44 1.24
N LYS B 42 15.99 3.08 0.48
CA LYS B 42 14.56 2.83 0.61
C LYS B 42 14.16 1.89 -0.52
N ILE B 43 13.66 0.71 -0.16
CA ILE B 43 13.23 -0.27 -1.14
C ILE B 43 11.72 -0.33 -1.11
N GLY B 44 11.08 -0.27 -2.28
CA GLY B 44 9.64 -0.30 -2.33
C GLY B 44 9.09 -1.48 -3.11
N TYR B 45 7.80 -1.41 -3.42
CA TYR B 45 7.15 -2.47 -4.14
C TYR B 45 7.64 -2.71 -5.58
N PRO B 46 8.05 -1.66 -6.30
CA PRO B 46 8.52 -1.95 -7.66
C PRO B 46 9.61 -3.01 -7.68
N LEU B 47 10.58 -2.90 -6.77
CA LEU B 47 11.66 -3.88 -6.71
C LEU B 47 11.27 -5.17 -6.00
N VAL B 48 10.60 -5.04 -4.86
CA VAL B 48 10.18 -6.21 -4.10
C VAL B 48 9.19 -7.13 -4.82
N LEU B 49 8.24 -6.54 -5.52
CA LEU B 49 7.26 -7.36 -6.23
C LEU B 49 7.88 -8.01 -7.46
N SER B 50 8.90 -7.37 -8.02
CA SER B 50 9.59 -7.90 -9.20
C SER B 50 10.64 -8.96 -8.88
N GLU B 51 11.33 -8.82 -7.76
CA GLU B 51 12.41 -9.73 -7.40
C GLU B 51 12.23 -10.55 -6.12
N GLY B 52 11.20 -10.24 -5.35
CA GLY B 52 10.97 -10.97 -4.12
C GLY B 52 11.51 -10.24 -2.91
N MET B 53 10.93 -10.52 -1.75
CA MET B 53 11.36 -9.87 -0.51
C MET B 53 12.78 -10.23 -0.10
N ASP B 54 13.33 -11.30 -0.66
CA ASP B 54 14.70 -11.68 -0.33
C ASP B 54 15.70 -10.62 -0.79
N ILE B 55 15.25 -9.72 -1.65
CA ILE B 55 16.12 -8.66 -2.16
C ILE B 55 16.57 -7.75 -1.02
N ILE B 56 15.74 -7.63 0.01
CA ILE B 56 16.11 -6.79 1.15
C ILE B 56 17.35 -7.35 1.83
N ALA B 57 17.35 -8.66 2.09
CA ALA B 57 18.51 -9.30 2.72
C ALA B 57 19.74 -9.16 1.83
N GLU B 58 19.54 -9.23 0.51
CA GLU B 58 20.63 -9.11 -0.44
C GLU B 58 21.31 -7.74 -0.29
N PHE B 59 20.50 -6.70 -0.22
CA PHE B 59 21.05 -5.35 -0.07
C PHE B 59 21.82 -5.21 1.25
N ARG B 60 21.25 -5.72 2.33
CA ARG B 60 21.91 -5.60 3.63
C ARG B 60 23.25 -6.30 3.68
N LYS B 61 23.35 -7.48 3.09
CA LYS B 61 24.61 -8.21 3.12
C LYS B 61 25.63 -7.65 2.13
N ARG B 62 25.17 -7.16 0.99
CA ARG B 62 26.09 -6.63 -0.01
C ARG B 62 26.60 -5.23 0.28
N PHE B 63 25.77 -4.41 0.90
CA PHE B 63 26.16 -3.03 1.20
C PHE B 63 26.24 -2.66 2.68
N GLY B 64 25.73 -3.53 3.54
CA GLY B 64 25.74 -3.24 4.97
C GLY B 64 24.99 -1.96 5.27
N CYS B 65 23.98 -1.69 4.47
CA CYS B 65 23.18 -0.48 4.60
C CYS B 65 21.90 -0.67 5.42
N ARG B 66 21.34 0.45 5.84
CA ARG B 66 20.08 0.45 6.56
C ARG B 66 19.04 0.35 5.46
N ILE B 67 17.96 -0.39 5.71
CA ILE B 67 16.91 -0.53 4.71
C ILE B 67 15.58 -0.05 5.25
N ILE B 68 14.96 0.86 4.52
CA ILE B 68 13.64 1.38 4.89
C ILE B 68 12.70 0.80 3.84
N ALA B 69 11.70 0.06 4.27
CA ALA B 69 10.73 -0.51 3.34
C ALA B 69 9.69 0.57 3.07
N GLY B 70 9.71 1.13 1.86
CA GLY B 70 8.76 2.17 1.51
C GLY B 70 7.46 1.57 1.04
N PHE B 71 6.83 0.79 1.91
CA PHE B 71 5.58 0.11 1.58
C PHE B 71 4.32 0.94 1.80
N LYS B 72 4.42 2.01 2.60
CA LYS B 72 3.29 2.87 2.90
C LYS B 72 2.04 2.05 3.22
N VAL B 73 2.19 1.21 4.23
CA VAL B 73 1.13 0.32 4.69
C VAL B 73 -0.16 1.11 4.90
N ALA B 74 -1.25 0.62 4.31
CA ALA B 74 -2.54 1.32 4.40
C ALA B 74 -3.71 0.35 4.43
N ASP B 75 -3.64 -0.63 5.32
CA ASP B 75 -4.69 -1.64 5.45
C ASP B 75 -5.32 -1.55 6.83
N ILE B 76 -6.19 -2.49 7.14
CA ILE B 76 -6.83 -2.53 8.46
C ILE B 76 -5.77 -2.99 9.45
N PRO B 77 -5.98 -2.75 10.75
CA PRO B 77 -5.00 -3.16 11.75
C PRO B 77 -4.44 -4.58 11.66
N GLU B 78 -5.32 -5.57 11.58
CA GLU B 78 -4.87 -6.96 11.51
C GLU B 78 -3.94 -7.25 10.33
N THR B 79 -4.29 -6.73 9.16
CA THR B 79 -3.45 -6.96 8.00
C THR B 79 -2.16 -6.15 8.09
N ASN B 80 -2.23 -4.95 8.65
CA ASN B 80 -1.04 -4.13 8.82
C ASN B 80 -0.02 -4.88 9.66
N GLU B 81 -0.49 -5.57 10.70
CA GLU B 81 0.40 -6.32 11.56
C GLU B 81 1.14 -7.41 10.79
N LYS B 82 0.41 -8.10 9.92
CA LYS B 82 0.99 -9.17 9.11
C LYS B 82 2.01 -8.63 8.14
N ILE B 83 1.69 -7.51 7.49
CA ILE B 83 2.60 -6.91 6.53
C ILE B 83 3.88 -6.47 7.21
N CYS B 84 3.77 -5.84 8.37
CA CYS B 84 4.94 -5.39 9.11
C CYS B 84 5.79 -6.56 9.57
N ARG B 85 5.14 -7.61 10.07
CA ARG B 85 5.86 -8.77 10.53
C ARG B 85 6.64 -9.41 9.38
N ALA B 86 5.99 -9.60 8.23
CA ALA B 86 6.66 -10.20 7.09
C ALA B 86 7.84 -9.33 6.64
N THR B 87 7.64 -8.02 6.66
CA THR B 87 8.66 -7.07 6.25
C THR B 87 9.87 -7.04 7.19
N PHE B 88 9.63 -7.02 8.49
CA PHE B 88 10.74 -7.00 9.44
C PHE B 88 11.46 -8.35 9.45
N LYS B 89 10.73 -9.43 9.23
CA LYS B 89 11.36 -10.75 9.20
C LYS B 89 12.31 -10.81 8.00
N ALA B 90 11.98 -10.05 6.96
CA ALA B 90 12.80 -10.00 5.74
C ALA B 90 14.07 -9.17 5.93
N GLY B 91 14.17 -8.50 7.07
CA GLY B 91 15.35 -7.70 7.35
C GLY B 91 15.22 -6.19 7.35
N ALA B 92 14.05 -5.66 7.01
CA ALA B 92 13.87 -4.21 6.97
C ALA B 92 14.10 -3.59 8.36
N ASP B 93 14.85 -2.50 8.40
CA ASP B 93 15.13 -1.81 9.66
C ASP B 93 13.95 -0.91 10.03
N ALA B 94 13.21 -0.47 9.02
CA ALA B 94 12.08 0.41 9.24
C ALA B 94 11.06 0.23 8.13
N ILE B 95 9.84 0.68 8.39
CA ILE B 95 8.78 0.59 7.39
C ILE B 95 8.00 1.89 7.38
N ILE B 96 7.60 2.32 6.19
CA ILE B 96 6.83 3.55 6.05
C ILE B 96 5.35 3.17 6.06
N VAL B 97 4.58 3.88 6.88
CA VAL B 97 3.17 3.62 7.06
C VAL B 97 2.32 4.84 6.71
N HIS B 98 1.23 4.62 5.98
CA HIS B 98 0.33 5.72 5.65
C HIS B 98 -0.44 6.10 6.91
N GLY B 99 -0.60 7.40 7.12
CA GLY B 99 -1.33 7.83 8.30
C GLY B 99 -2.82 8.05 8.05
N PHE B 100 -3.21 8.23 6.78
CA PHE B 100 -4.62 8.48 6.51
C PHE B 100 -5.63 7.42 6.93
N PRO B 101 -5.21 6.13 7.00
CA PRO B 101 -6.19 5.13 7.44
C PRO B 101 -6.57 5.20 8.92
N GLY B 102 -5.89 6.05 9.69
CA GLY B 102 -6.26 6.18 11.09
C GLY B 102 -5.30 5.65 12.15
N ALA B 103 -5.60 5.99 13.40
CA ALA B 103 -4.77 5.62 14.54
C ALA B 103 -4.63 4.12 14.83
N ASP B 104 -5.71 3.35 14.69
CA ASP B 104 -5.61 1.93 14.96
C ASP B 104 -4.67 1.24 13.97
N SER B 105 -4.75 1.64 12.71
CA SER B 105 -3.88 1.06 11.70
C SER B 105 -2.42 1.41 11.96
N VAL B 106 -2.17 2.61 12.50
CA VAL B 106 -0.81 3.01 12.82
C VAL B 106 -0.30 2.25 14.04
N ARG B 107 -1.15 2.16 15.06
CA ARG B 107 -0.77 1.47 16.28
C ARG B 107 -0.41 0.01 16.01
N ALA B 108 -1.12 -0.61 15.07
CA ALA B 108 -0.84 -2.01 14.74
C ALA B 108 0.61 -2.14 14.28
N CYS B 109 1.05 -1.17 13.49
CA CYS B 109 2.43 -1.17 12.99
C CYS B 109 3.42 -0.89 14.12
N LEU B 110 3.06 0.03 15.00
CA LEU B 110 3.92 0.37 16.12
C LEU B 110 4.11 -0.84 17.03
N ASN B 111 3.05 -1.63 17.21
CA ASN B 111 3.12 -2.82 18.06
C ASN B 111 4.16 -3.81 17.55
N VAL B 112 4.11 -4.09 16.25
CA VAL B 112 5.06 -5.03 15.67
C VAL B 112 6.48 -4.47 15.70
N ALA B 113 6.62 -3.18 15.42
CA ALA B 113 7.93 -2.54 15.43
C ALA B 113 8.54 -2.62 16.83
N GLU B 114 7.69 -2.39 17.84
CA GLU B 114 8.12 -2.46 19.23
C GLU B 114 8.61 -3.87 19.55
N GLU B 115 7.80 -4.86 19.19
CA GLU B 115 8.11 -6.26 19.43
C GLU B 115 9.42 -6.71 18.78
N MET B 116 9.63 -6.31 17.53
CA MET B 116 10.81 -6.73 16.79
C MET B 116 12.00 -5.77 16.81
N GLY B 117 11.87 -4.69 17.58
CA GLY B 117 12.95 -3.72 17.69
C GLY B 117 13.25 -2.97 16.40
N ARG B 118 12.21 -2.62 15.66
CA ARG B 118 12.39 -1.89 14.41
C ARG B 118 11.71 -0.52 14.46
N GLU B 119 11.75 0.22 13.36
CA GLU B 119 11.18 1.56 13.32
C GLU B 119 10.00 1.77 12.36
N VAL B 120 9.16 2.73 12.71
CA VAL B 120 8.02 3.09 11.89
C VAL B 120 8.15 4.56 11.48
N PHE B 121 7.94 4.84 10.20
CA PHE B 121 7.97 6.20 9.68
C PHE B 121 6.54 6.48 9.27
N LEU B 122 5.98 7.58 9.77
CA LEU B 122 4.62 7.95 9.44
C LEU B 122 4.57 8.92 8.26
N LEU B 123 3.92 8.49 7.18
CA LEU B 123 3.77 9.34 5.99
C LEU B 123 2.56 10.24 6.23
N THR B 124 2.80 11.54 6.23
CA THR B 124 1.76 12.52 6.45
C THR B 124 1.21 12.99 5.11
N GLU B 125 1.79 14.03 4.52
CA GLU B 125 1.33 14.51 3.23
C GLU B 125 2.22 13.95 2.13
N MET B 126 1.62 13.61 0.99
CA MET B 126 2.38 13.07 -0.12
C MET B 126 2.87 14.18 -1.06
N SER B 127 3.86 13.86 -1.86
CA SER B 127 4.49 14.85 -2.76
C SER B 127 3.89 15.12 -4.13
N HIS B 128 3.06 14.22 -4.63
CA HIS B 128 2.47 14.40 -5.96
C HIS B 128 1.27 15.34 -5.96
N PRO B 129 0.90 15.86 -7.15
CA PRO B 129 -0.23 16.78 -7.27
C PRO B 129 -1.55 16.30 -6.64
N GLY B 130 -1.88 15.04 -6.90
CA GLY B 130 -3.12 14.47 -6.38
C GLY B 130 -3.26 14.52 -4.87
N ALA B 131 -2.14 14.67 -4.17
CA ALA B 131 -2.16 14.74 -2.71
C ALA B 131 -2.98 15.92 -2.21
N GLU B 132 -3.17 16.91 -3.07
CA GLU B 132 -3.94 18.11 -2.70
C GLU B 132 -5.43 17.83 -2.56
N MET B 133 -5.92 16.80 -3.24
CA MET B 133 -7.34 16.48 -3.20
C MET B 133 -7.90 16.06 -1.85
N PHE B 134 -7.25 15.10 -1.18
CA PHE B 134 -7.75 14.64 0.12
C PHE B 134 -6.71 14.57 1.22
N ILE B 135 -5.49 14.19 0.87
CA ILE B 135 -4.44 14.06 1.88
C ILE B 135 -4.00 15.37 2.52
N GLN B 136 -3.79 16.39 1.71
CA GLN B 136 -3.32 17.67 2.24
C GLN B 136 -4.19 18.23 3.37
N GLY B 137 -5.50 18.21 3.17
CA GLY B 137 -6.40 18.72 4.20
C GLY B 137 -6.39 17.96 5.50
N ALA B 138 -5.91 16.73 5.48
CA ALA B 138 -5.84 15.90 6.68
C ALA B 138 -4.44 15.75 7.25
N ALA B 139 -3.44 16.18 6.48
CA ALA B 139 -2.04 16.04 6.85
C ALA B 139 -1.60 16.60 8.20
N ASP B 140 -2.03 17.80 8.56
CA ASP B 140 -1.65 18.36 9.85
C ASP B 140 -2.17 17.49 10.99
N GLU B 141 -3.41 17.04 10.87
CA GLU B 141 -4.01 16.19 11.90
C GLU B 141 -3.36 14.81 11.94
N ILE B 142 -2.95 14.30 10.78
CA ILE B 142 -2.27 13.01 10.74
C ILE B 142 -0.93 13.15 11.48
N ALA B 143 -0.26 14.29 11.29
CA ALA B 143 1.00 14.55 11.96
C ALA B 143 0.79 14.62 13.46
N ARG B 144 -0.25 15.34 13.89
CA ARG B 144 -0.56 15.46 15.30
C ARG B 144 -0.87 14.09 15.89
N MET B 145 -1.58 13.27 15.11
CA MET B 145 -1.92 11.92 15.54
C MET B 145 -0.62 11.15 15.83
N GLY B 146 0.35 11.28 14.94
CA GLY B 146 1.62 10.61 15.13
C GLY B 146 2.30 11.07 16.39
N VAL B 147 2.31 12.39 16.61
CA VAL B 147 2.93 12.95 17.80
C VAL B 147 2.28 12.40 19.06
N ASP B 148 0.95 12.37 19.07
CA ASP B 148 0.21 11.88 20.23
C ASP B 148 0.49 10.41 20.53
N LEU B 149 0.89 9.65 19.52
CA LEU B 149 1.19 8.22 19.70
C LEU B 149 2.68 7.97 19.94
N GLY B 150 3.46 9.04 20.00
CA GLY B 150 4.89 8.90 20.24
C GLY B 150 5.72 8.56 19.03
N VAL B 151 5.16 8.73 17.83
CA VAL B 151 5.90 8.45 16.61
C VAL B 151 7.04 9.46 16.53
N LYS B 152 8.23 8.99 16.19
CA LYS B 152 9.38 9.87 16.12
C LYS B 152 9.94 10.05 14.71
N ASN B 153 9.47 9.25 13.76
CA ASN B 153 9.95 9.31 12.38
C ASN B 153 8.80 9.65 11.44
N TYR B 154 9.04 10.63 10.57
CA TYR B 154 8.00 11.10 9.63
C TYR B 154 8.48 11.30 8.20
N VAL B 155 7.53 11.35 7.28
CA VAL B 155 7.80 11.58 5.87
C VAL B 155 6.89 12.73 5.42
N GLY B 156 7.50 13.74 4.80
CA GLY B 156 6.77 14.92 4.32
C GLY B 156 7.22 15.28 2.92
N PRO B 157 6.44 16.06 2.16
CA PRO B 157 6.75 16.45 0.78
C PRO B 157 7.77 17.56 0.49
N SER B 158 8.77 17.22 -0.32
CA SER B 158 9.80 18.16 -0.74
C SER B 158 9.20 19.19 -1.68
N THR B 159 8.17 18.76 -2.42
CA THR B 159 7.50 19.60 -3.40
C THR B 159 6.70 20.77 -2.84
N ARG B 160 6.44 20.77 -1.54
CA ARG B 160 5.70 21.85 -0.90
C ARG B 160 6.44 22.30 0.34
N PRO B 161 7.47 23.14 0.16
CA PRO B 161 8.28 23.64 1.26
C PRO B 161 7.51 24.18 2.46
N GLU B 162 6.48 24.99 2.23
CA GLU B 162 5.72 25.55 3.32
C GLU B 162 4.93 24.49 4.09
N ARG B 163 4.51 23.44 3.39
CA ARG B 163 3.79 22.35 4.04
C ARG B 163 4.79 21.54 4.85
N LEU B 164 5.97 21.34 4.30
CA LEU B 164 7.01 20.59 4.98
C LEU B 164 7.40 21.34 6.25
N SER B 165 7.44 22.68 6.14
CA SER B 165 7.79 23.53 7.26
C SER B 165 6.75 23.42 8.37
N ARG B 166 5.48 23.41 7.98
CA ARG B 166 4.38 23.29 8.95
C ARG B 166 4.45 21.93 9.63
N LEU B 167 4.78 20.89 8.85
CA LEU B 167 4.89 19.55 9.41
C LEU B 167 6.00 19.52 10.44
N ARG B 168 7.13 20.16 10.13
CA ARG B 168 8.24 20.21 11.07
C ARG B 168 7.81 20.90 12.36
N GLU B 169 7.03 21.97 12.23
CA GLU B 169 6.56 22.69 13.42
C GLU B 169 5.72 21.79 14.32
N ILE B 170 4.88 20.97 13.71
CA ILE B 170 4.01 20.07 14.46
C ILE B 170 4.75 18.92 15.16
N ILE B 171 5.71 18.30 14.46
CA ILE B 171 6.44 17.19 15.05
C ILE B 171 7.59 17.60 15.96
N GLY B 172 8.01 18.86 15.89
CA GLY B 172 9.10 19.33 16.72
C GLY B 172 10.48 19.05 16.16
N GLN B 173 11.49 19.71 16.72
CA GLN B 173 12.87 19.54 16.28
C GLN B 173 13.40 18.14 16.60
N ASP B 174 12.83 17.54 17.64
CA ASP B 174 13.21 16.21 18.11
C ASP B 174 12.98 15.09 17.09
N SER B 175 11.86 15.16 16.39
CA SER B 175 11.51 14.14 15.42
C SER B 175 12.41 14.08 14.20
N PHE B 176 12.47 12.90 13.58
CA PHE B 176 13.27 12.67 12.39
C PHE B 176 12.31 12.79 11.21
N LEU B 177 12.66 13.62 10.23
CA LEU B 177 11.80 13.84 9.08
C LEU B 177 12.55 13.61 7.78
N ILE B 178 12.04 12.73 6.93
CA ILE B 178 12.68 12.49 5.64
C ILE B 178 11.70 12.96 4.57
N SER B 179 12.21 13.34 3.41
CA SER B 179 11.34 13.91 2.40
C SER B 179 11.62 13.52 0.95
N PRO B 180 10.62 12.95 0.27
CA PRO B 180 10.76 12.54 -1.13
C PRO B 180 10.24 13.66 -2.04
N GLY B 181 10.54 13.55 -3.32
CA GLY B 181 10.10 14.58 -4.25
C GLY B 181 11.23 15.48 -4.71
N VAL B 182 12.45 15.16 -4.30
CA VAL B 182 13.62 15.93 -4.68
C VAL B 182 14.12 15.48 -6.04
N GLY B 183 14.33 16.42 -6.94
CA GLY B 183 14.82 16.07 -8.26
C GLY B 183 13.74 15.90 -9.31
N ALA B 184 13.42 14.65 -9.64
CA ALA B 184 12.41 14.36 -10.66
C ALA B 184 11.09 15.09 -10.44
N GLN B 185 10.61 15.13 -9.21
CA GLN B 185 9.35 15.79 -8.91
C GLN B 185 9.46 17.30 -8.74
N GLY B 186 10.69 17.82 -8.81
CA GLY B 186 10.88 19.26 -8.70
C GLY B 186 11.41 19.85 -7.41
N GLY B 187 11.48 19.04 -6.35
CA GLY B 187 11.99 19.54 -5.09
C GLY B 187 13.47 19.86 -5.10
N ASP B 188 13.87 20.86 -4.33
CA ASP B 188 15.27 21.27 -4.25
C ASP B 188 15.91 20.69 -2.99
N PRO B 189 17.09 20.07 -3.14
CA PRO B 189 17.80 19.47 -2.00
C PRO B 189 18.02 20.43 -0.82
N GLY B 190 18.66 21.56 -1.09
CA GLY B 190 18.93 22.53 -0.05
C GLY B 190 17.71 23.08 0.67
N GLU B 191 16.70 23.49 -0.10
CA GLU B 191 15.49 24.04 0.49
C GLU B 191 14.79 23.01 1.36
N THR B 192 14.75 21.77 0.88
CA THR B 192 14.10 20.70 1.61
C THR B 192 14.80 20.41 2.93
N LEU B 193 16.13 20.47 2.91
CA LEU B 193 16.90 20.21 4.13
C LEU B 193 16.83 21.32 5.17
N ARG B 194 16.09 22.39 4.85
CA ARG B 194 15.91 23.47 5.82
C ARG B 194 14.98 22.91 6.89
N PHE B 195 14.15 21.95 6.49
CA PHE B 195 13.17 21.36 7.41
C PHE B 195 13.35 19.87 7.65
N ALA B 196 13.72 19.13 6.61
CA ALA B 196 13.92 17.69 6.74
C ALA B 196 15.34 17.34 7.16
N ASP B 197 15.48 16.22 7.86
CA ASP B 197 16.79 15.75 8.30
C ASP B 197 17.50 15.04 7.16
N ALA B 198 16.72 14.48 6.24
CA ALA B 198 17.29 13.77 5.11
C ALA B 198 16.34 13.81 3.92
N ILE B 199 16.91 13.75 2.72
CA ILE B 199 16.10 13.76 1.52
C ILE B 199 16.15 12.39 0.86
N ILE B 200 15.04 12.02 0.23
CA ILE B 200 14.90 10.76 -0.47
C ILE B 200 15.05 11.12 -1.95
N VAL B 201 15.96 10.45 -2.64
CA VAL B 201 16.17 10.71 -4.06
C VAL B 201 16.19 9.41 -4.85
N GLY B 202 15.34 9.33 -5.88
CA GLY B 202 15.28 8.14 -6.69
C GLY B 202 15.78 8.33 -8.10
N ARG B 203 14.87 8.65 -9.01
CA ARG B 203 15.20 8.82 -10.42
C ARG B 203 16.37 9.75 -10.76
N SER B 204 16.50 10.87 -10.07
CA SER B 204 17.59 11.80 -10.34
C SER B 204 18.94 11.09 -10.24
N ILE B 205 18.96 10.00 -9.48
CA ILE B 205 20.18 9.23 -9.33
C ILE B 205 20.17 7.93 -10.15
N TYR B 206 19.19 7.07 -9.92
CA TYR B 206 19.19 5.78 -10.62
C TYR B 206 18.90 5.78 -12.12
N LEU B 207 18.45 6.91 -12.64
CA LEU B 207 18.17 7.03 -14.07
C LEU B 207 19.24 7.90 -14.75
N ALA B 208 20.10 8.50 -13.94
CA ALA B 208 21.17 9.36 -14.44
C ALA B 208 22.19 8.57 -15.26
N ASP B 209 22.77 9.25 -16.25
CA ASP B 209 23.78 8.63 -17.10
C ASP B 209 24.90 8.14 -16.20
N ASN B 210 25.24 8.95 -15.21
CA ASN B 210 26.29 8.64 -14.25
C ASN B 210 25.74 8.80 -12.84
N PRO B 211 25.14 7.74 -12.28
CA PRO B 211 24.57 7.78 -10.93
C PRO B 211 25.51 8.35 -9.86
N ALA B 212 26.77 7.95 -9.89
CA ALA B 212 27.75 8.43 -8.92
C ALA B 212 27.92 9.95 -9.02
N ALA B 213 28.02 10.45 -10.24
CA ALA B 213 28.18 11.87 -10.47
C ALA B 213 26.92 12.62 -10.03
N ALA B 214 25.77 11.99 -10.22
CA ALA B 214 24.50 12.59 -9.84
C ALA B 214 24.43 12.73 -8.32
N ALA B 215 24.82 11.66 -7.62
CA ALA B 215 24.81 11.68 -6.15
C ALA B 215 25.81 12.68 -5.63
N ALA B 216 27.00 12.70 -6.23
CA ALA B 216 28.04 13.63 -5.82
C ALA B 216 27.57 15.06 -6.01
N GLY B 217 26.88 15.31 -7.12
CA GLY B 217 26.38 16.64 -7.40
C GLY B 217 25.38 17.11 -6.37
N ILE B 218 24.49 16.22 -5.96
CA ILE B 218 23.50 16.56 -4.95
C ILE B 218 24.20 16.87 -3.64
N ILE B 219 25.13 16.02 -3.25
CA ILE B 219 25.88 16.21 -2.02
C ILE B 219 26.69 17.51 -2.06
N GLU B 220 27.23 17.82 -3.22
CA GLU B 220 28.01 19.03 -3.42
C GLU B 220 27.20 20.28 -3.07
N SER B 221 26.00 20.38 -3.63
CA SER B 221 25.13 21.52 -3.39
C SER B 221 24.54 21.52 -1.98
N ILE B 222 24.88 20.50 -1.19
CA ILE B 222 24.37 20.39 0.18
C ILE B 222 25.48 20.53 1.22
N LYS B 223 26.72 20.48 0.76
CA LYS B 223 27.88 20.58 1.66
C LYS B 223 27.70 21.74 2.64
N1 U5P C . -9.74 -5.06 3.57
C2 U5P C . -10.61 -4.81 4.67
N3 U5P C . -11.18 -3.54 4.67
C4 U5P C . -10.97 -2.50 3.74
C5 U5P C . -10.03 -2.82 2.68
C6 U5P C . -9.42 -4.01 2.66
O2 U5P C . -10.84 -5.64 5.51
O4 U5P C . -11.58 -1.47 3.90
C1' U5P C . -9.15 -6.39 3.34
C2' U5P C . -8.27 -6.98 4.42
O2' U5P C . -6.90 -6.59 4.33
C3' U5P C . -8.48 -8.45 4.23
C4' U5P C . -9.95 -8.55 3.86
O3' U5P C . -7.65 -8.98 3.19
O4' U5P C . -10.20 -7.31 3.16
C5' U5P C . -10.96 -8.74 4.98
O5' U5P C . -10.64 -9.97 5.63
P U5P C . -11.43 -10.48 6.92
O1P U5P C . -11.67 -9.38 7.90
O2P U5P C . -10.53 -11.53 7.49
O3P U5P C . -12.76 -11.19 6.44
CL CL D . -7.91 -5.29 -0.21
N1 U5P E . 7.29 8.62 -2.48
C2 U5P E . 7.09 9.88 -3.12
N3 U5P E . 6.17 10.71 -2.49
C4 U5P E . 5.47 10.46 -1.29
C5 U5P E . 5.69 9.14 -0.72
C6 U5P E . 6.49 8.26 -1.35
O2 U5P E . 7.69 10.20 -4.13
O4 U5P E . 4.75 11.32 -0.87
C1' U5P E . 8.29 7.65 -2.96
C2' U5P E . 8.18 7.12 -4.37
O2' U5P E . 7.32 6.00 -4.50
C3' U5P E . 9.60 6.84 -4.72
C4' U5P E . 10.36 7.97 -4.05
O3' U5P E . 10.02 5.57 -4.23
O4' U5P E . 9.57 8.26 -2.88
C5' U5P E . 10.61 9.24 -4.84
O5' U5P E . 11.41 8.90 -5.97
P U5P E . 11.82 9.93 -7.09
O1P U5P E . 10.68 10.85 -7.46
O2P U5P E . 12.23 9.08 -8.25
O3P U5P E . 13.11 10.72 -6.60
CL CL F . 7.79 5.45 0.30
#